data_2YHH
#
_entry.id   2YHH
#
_cell.length_a   1.000
_cell.length_b   1.000
_cell.length_c   1.000
_cell.angle_alpha   90.00
_cell.angle_beta   90.00
_cell.angle_gamma   90.00
#
_symmetry.space_group_name_H-M   'P 1'
#
loop_
_entity.id
_entity.type
_entity.pdbx_description
1 polymer 'MANNAN-BINDING LECTIN'
2 branched alpha-D-mannopyranose-(1-2)-alpha-D-mannopyranose
#
_entity_poly.entity_id   1
_entity_poly.type   'polypeptide(L)'
_entity_poly.pdbx_seq_one_letter_code
;MPNFSHTCSSINYDPDSTILSAECQARDGEWLPTELRLSDHIGNIDGELQFGDQNFQETCQDCRLEFGDGEQSVWLVCTC
QTMDGEWKSTQILLDSQIDNNDSQLEIG
;
_entity_poly.pdbx_strand_id   A
#
# COMPACT_ATOMS: atom_id res chain seq x y z
N MET A 1 0.78 11.22 10.86
CA MET A 1 1.50 10.67 12.06
C MET A 1 2.32 9.45 11.63
N PRO A 2 3.33 9.09 12.39
CA PRO A 2 4.25 7.95 12.16
C PRO A 2 3.76 6.89 11.13
N ASN A 3 4.65 6.22 10.44
CA ASN A 3 4.20 5.19 9.41
C ASN A 3 5.00 3.89 9.63
N PHE A 4 4.74 2.89 8.82
CA PHE A 4 5.47 1.60 9.01
C PHE A 4 6.86 1.61 8.37
N SER A 5 7.43 2.77 8.16
CA SER A 5 8.80 2.83 7.56
C SER A 5 9.82 2.47 8.63
N HIS A 6 10.23 3.44 9.39
CA HIS A 6 11.26 3.21 10.45
C HIS A 6 10.83 2.07 11.39
N THR A 7 9.56 1.93 11.68
CA THR A 7 9.12 0.84 12.61
C THR A 7 9.24 -0.54 11.95
N CYS A 8 9.08 -0.62 10.66
CA CYS A 8 9.18 -1.93 9.96
C CYS A 8 10.21 -1.87 8.82
N SER A 9 10.78 -2.99 8.47
CA SER A 9 11.79 -3.00 7.35
C SER A 9 11.47 -4.14 6.35
N SER A 10 12.04 -4.09 5.18
CA SER A 10 11.79 -5.17 4.14
C SER A 10 10.36 -5.04 3.60
N ILE A 11 10.04 -3.90 3.08
CA ILE A 11 8.67 -3.64 2.53
C ILE A 11 8.42 -4.48 1.26
N ASN A 12 7.47 -5.39 1.31
CA ASN A 12 7.16 -6.21 0.11
C ASN A 12 5.69 -6.02 -0.30
N TYR A 13 5.42 -6.05 -1.57
CA TYR A 13 4.01 -5.87 -2.07
C TYR A 13 3.79 -6.77 -3.28
N ASP A 14 3.09 -7.84 -3.12
CA ASP A 14 2.81 -8.72 -4.29
C ASP A 14 1.70 -8.08 -5.14
N PRO A 15 1.94 -7.87 -6.42
CA PRO A 15 0.94 -7.22 -7.33
C PRO A 15 -0.27 -8.11 -7.63
N ASP A 16 -0.19 -9.40 -7.41
CA ASP A 16 -1.37 -10.28 -7.70
C ASP A 16 -2.40 -10.15 -6.56
N SER A 17 -2.06 -10.61 -5.38
CA SER A 17 -2.99 -10.57 -4.20
C SER A 17 -2.94 -9.21 -3.47
N THR A 18 -2.10 -8.31 -3.93
CA THR A 18 -1.96 -6.96 -3.27
C THR A 18 -1.87 -7.07 -1.74
N ILE A 19 -0.85 -7.74 -1.25
CA ILE A 19 -0.70 -7.87 0.23
C ILE A 19 0.63 -7.21 0.64
N LEU A 20 0.60 -6.36 1.63
CA LEU A 20 1.87 -5.71 2.09
C LEU A 20 2.49 -6.52 3.24
N SER A 21 3.68 -7.00 3.05
CA SER A 21 4.35 -7.80 4.12
C SER A 21 5.60 -7.06 4.61
N ALA A 22 5.82 -7.04 5.89
CA ALA A 22 7.01 -6.35 6.45
C ALA A 22 7.27 -6.82 7.89
N GLU A 23 8.50 -6.80 8.32
CA GLU A 23 8.81 -7.25 9.71
C GLU A 23 8.86 -6.02 10.63
N CYS A 24 8.16 -6.08 11.73
CA CYS A 24 8.14 -4.91 12.66
C CYS A 24 8.61 -5.34 14.06
N GLN A 25 9.08 -4.41 14.86
CA GLN A 25 9.57 -4.75 16.23
C GLN A 25 8.43 -4.55 17.24
N ALA A 26 8.21 -5.51 18.09
CA ALA A 26 7.12 -5.37 19.10
C ALA A 26 7.63 -4.60 20.31
N ARG A 27 6.74 -4.27 21.19
CA ARG A 27 7.13 -3.52 22.42
C ARG A 27 8.17 -4.33 23.20
N ASP A 28 8.06 -5.63 23.18
CA ASP A 28 9.02 -6.50 23.91
C ASP A 28 10.38 -6.46 23.18
N GLY A 29 10.44 -5.81 22.06
CA GLY A 29 11.72 -5.73 21.29
C GLY A 29 11.79 -6.93 20.34
N GLU A 30 10.77 -7.75 20.32
CA GLU A 30 10.77 -8.95 19.41
C GLU A 30 10.35 -8.56 17.98
N TRP A 31 10.93 -9.19 16.99
CA TRP A 31 10.59 -8.88 15.56
C TRP A 31 9.56 -9.90 15.04
N LEU A 32 8.48 -9.43 14.46
CA LEU A 32 7.46 -10.37 13.91
C LEU A 32 7.04 -9.92 12.50
N PRO A 33 6.51 -10.82 11.70
CA PRO A 33 6.04 -10.53 10.32
C PRO A 33 4.54 -10.17 10.27
N THR A 34 4.17 -9.22 9.45
CA THR A 34 2.71 -8.84 9.38
C THR A 34 2.27 -8.67 7.92
N GLU A 35 1.01 -8.97 7.65
CA GLU A 35 0.48 -8.84 6.26
C GLU A 35 -0.71 -7.87 6.24
N LEU A 36 -0.93 -7.16 5.16
CA LEU A 36 -2.08 -6.22 5.09
C LEU A 36 -2.66 -6.22 3.66
N ARG A 37 -3.96 -6.13 3.52
CA ARG A 37 -4.60 -6.12 2.17
C ARG A 37 -5.14 -4.71 1.85
N LEU A 38 -4.53 -4.00 0.94
CA LEU A 38 -5.02 -2.62 0.62
C LEU A 38 -6.40 -2.67 -0.05
N SER A 39 -6.63 -3.64 -0.88
CA SER A 39 -7.94 -3.75 -1.58
C SER A 39 -9.08 -3.36 -0.62
N ASP A 40 -8.87 -3.56 0.65
CA ASP A 40 -9.90 -3.21 1.68
C ASP A 40 -10.20 -1.70 1.64
N HIS A 41 -9.20 -0.87 1.45
CA HIS A 41 -9.43 0.61 1.41
C HIS A 41 -9.13 1.20 0.02
N ILE A 42 -8.89 0.38 -0.98
CA ILE A 42 -8.57 0.94 -2.33
C ILE A 42 -9.48 0.32 -3.41
N GLY A 43 -10.21 1.15 -4.13
CA GLY A 43 -11.12 0.64 -5.20
C GLY A 43 -10.97 1.53 -6.45
N ASN A 44 -11.57 1.15 -7.54
CA ASN A 44 -11.47 1.97 -8.79
C ASN A 44 -12.64 2.95 -8.85
N ILE A 45 -12.40 4.12 -9.30
CA ILE A 45 -13.50 5.11 -9.41
C ILE A 45 -13.36 5.84 -10.74
N ASP A 46 -14.04 5.34 -11.73
CA ASP A 46 -14.01 5.95 -13.10
C ASP A 46 -12.57 6.10 -13.66
N GLY A 47 -11.64 5.26 -13.27
CA GLY A 47 -10.26 5.37 -13.83
C GLY A 47 -9.29 5.98 -12.81
N GLU A 48 -9.78 6.44 -11.69
CA GLU A 48 -8.88 7.04 -10.66
C GLU A 48 -8.76 6.14 -9.43
N LEU A 49 -7.74 6.34 -8.63
CA LEU A 49 -7.54 5.52 -7.39
C LEU A 49 -7.86 6.38 -6.16
N GLN A 50 -8.65 5.89 -5.25
CA GLN A 50 -8.97 6.69 -4.03
C GLN A 50 -9.12 5.79 -2.79
N PHE A 51 -8.99 6.38 -1.64
CA PHE A 51 -9.12 5.61 -0.37
C PHE A 51 -10.62 5.50 -0.04
N GLY A 52 -11.01 4.46 0.65
CA GLY A 52 -12.47 4.30 0.99
C GLY A 52 -13.11 3.29 0.05
N ASP A 53 -12.59 3.13 -1.13
CA ASP A 53 -13.17 2.16 -2.10
C ASP A 53 -12.46 0.81 -2.00
N GLN A 54 -12.97 -0.19 -2.71
CA GLN A 54 -12.34 -1.54 -2.67
C GLN A 54 -12.37 -2.22 -4.06
N ASN A 55 -11.62 -3.27 -4.27
CA ASN A 55 -11.63 -3.96 -5.60
C ASN A 55 -11.00 -3.06 -6.68
N PHE A 56 -9.70 -3.01 -6.73
CA PHE A 56 -8.99 -2.17 -7.75
C PHE A 56 -8.06 -3.01 -8.64
N GLN A 57 -7.34 -3.95 -8.10
CA GLN A 57 -6.41 -4.76 -8.96
C GLN A 57 -7.23 -5.46 -10.06
N GLU A 58 -8.47 -5.73 -9.81
CA GLU A 58 -9.32 -6.41 -10.83
C GLU A 58 -9.42 -5.53 -12.09
N THR A 59 -9.37 -4.23 -11.93
CA THR A 59 -9.46 -3.32 -13.11
C THR A 59 -8.16 -2.52 -13.28
N CYS A 60 -7.06 -3.04 -12.79
CA CYS A 60 -5.76 -2.30 -12.93
C CYS A 60 -4.59 -3.26 -13.09
N GLN A 61 -3.51 -2.80 -13.67
CA GLN A 61 -2.32 -3.69 -13.88
C GLN A 61 -1.01 -2.90 -13.66
N ASP A 62 0.10 -3.59 -13.79
CA ASP A 62 1.45 -2.97 -13.61
C ASP A 62 1.57 -2.23 -12.26
N CYS A 63 1.06 -2.75 -11.20
CA CYS A 63 1.20 -2.01 -9.89
C CYS A 63 2.63 -2.17 -9.41
N ARG A 64 3.29 -1.10 -9.10
CA ARG A 64 4.68 -1.22 -8.64
C ARG A 64 5.07 -0.09 -7.69
N LEU A 65 5.83 -0.44 -6.71
CA LEU A 65 6.29 0.54 -5.70
C LEU A 65 7.53 1.26 -6.26
N GLU A 66 7.79 2.45 -5.83
CA GLU A 66 8.98 3.18 -6.33
C GLU A 66 9.70 3.88 -5.18
N PHE A 67 10.99 3.72 -5.05
CA PHE A 67 11.73 4.39 -3.93
C PHE A 67 12.19 5.79 -4.37
N GLY A 68 12.04 6.78 -3.53
CA GLY A 68 12.46 8.17 -3.90
C GLY A 68 13.92 8.41 -3.50
N ASP A 69 14.31 9.64 -3.35
CA ASP A 69 15.73 9.95 -2.96
C ASP A 69 16.11 9.18 -1.69
N GLY A 70 15.20 9.04 -0.76
CA GLY A 70 15.51 8.29 0.50
C GLY A 70 14.75 6.96 0.48
N GLU A 71 15.44 5.89 0.76
CA GLU A 71 14.77 4.55 0.77
C GLU A 71 13.76 4.46 1.91
N GLN A 72 13.55 5.53 2.63
CA GLN A 72 12.58 5.51 3.77
C GLN A 72 11.15 5.65 3.23
N SER A 73 10.99 5.65 1.94
CA SER A 73 9.63 5.81 1.36
C SER A 73 9.42 4.99 0.09
N VAL A 74 8.23 4.53 -0.18
CA VAL A 74 8.01 3.76 -1.46
C VAL A 74 6.70 4.30 -2.07
N TRP A 75 6.64 4.57 -3.35
CA TRP A 75 5.36 5.14 -3.89
C TRP A 75 4.54 4.21 -4.81
N LEU A 76 3.26 4.13 -4.58
CA LEU A 76 2.39 3.18 -5.36
C LEU A 76 1.76 3.82 -6.61
N VAL A 77 2.09 3.27 -7.76
CA VAL A 77 1.53 3.75 -9.08
C VAL A 77 0.87 2.56 -9.80
N CYS A 78 -0.28 2.76 -10.42
CA CYS A 78 -0.95 1.62 -11.13
C CYS A 78 -1.79 2.13 -12.30
N THR A 79 -1.88 1.32 -13.31
CA THR A 79 -2.71 1.68 -14.49
C THR A 79 -4.12 1.12 -14.20
N CYS A 80 -5.11 1.94 -14.20
CA CYS A 80 -6.51 1.45 -13.91
C CYS A 80 -7.38 1.68 -15.13
N GLN A 81 -8.09 0.69 -15.59
CA GLN A 81 -8.95 0.86 -16.80
C GLN A 81 -10.08 1.87 -16.52
N THR A 82 -10.48 2.61 -17.52
CA THR A 82 -11.60 3.59 -17.33
C THR A 82 -12.91 2.88 -17.65
N MET A 83 -14.03 3.48 -17.36
CA MET A 83 -15.33 2.80 -17.66
C MET A 83 -15.47 2.57 -19.16
N ASP A 84 -14.96 3.46 -19.97
CA ASP A 84 -15.07 3.27 -21.44
C ASP A 84 -14.15 2.11 -21.87
N GLY A 85 -13.26 1.69 -21.01
CA GLY A 85 -12.34 0.56 -21.34
C GLY A 85 -10.93 1.08 -21.65
N GLU A 86 -10.70 2.36 -21.53
CA GLU A 86 -9.34 2.91 -21.80
C GLU A 86 -8.42 2.69 -20.60
N TRP A 87 -7.13 2.74 -20.82
CA TRP A 87 -6.15 2.53 -19.70
C TRP A 87 -5.47 3.85 -19.34
N LYS A 88 -5.43 4.21 -18.09
CA LYS A 88 -4.75 5.49 -17.71
C LYS A 88 -3.80 5.24 -16.52
N SER A 89 -2.80 6.06 -16.37
CA SER A 89 -1.82 5.88 -15.25
C SER A 89 -2.17 6.80 -14.07
N THR A 90 -2.35 6.24 -12.90
CA THR A 90 -2.66 7.06 -11.68
C THR A 90 -1.53 6.87 -10.65
N GLN A 91 -1.50 7.70 -9.63
CA GLN A 91 -0.42 7.58 -8.59
C GLN A 91 -1.01 7.82 -7.19
N ILE A 92 -0.38 7.30 -6.16
CA ILE A 92 -0.91 7.51 -4.77
C ILE A 92 0.19 7.23 -3.73
N LEU A 93 0.28 8.04 -2.71
CA LEU A 93 1.34 7.85 -1.68
C LEU A 93 0.74 7.11 -0.46
N LEU A 94 1.27 5.96 -0.14
CA LEU A 94 0.75 5.19 1.03
C LEU A 94 1.05 5.94 2.34
N ASP A 95 2.14 6.67 2.38
CA ASP A 95 2.49 7.42 3.63
C ASP A 95 1.47 8.55 3.87
N SER A 96 0.66 8.45 4.89
CA SER A 96 -0.35 9.51 5.17
C SER A 96 -1.21 9.13 6.39
N GLN A 97 -2.50 8.98 6.23
CA GLN A 97 -3.38 8.60 7.38
C GLN A 97 -3.27 7.10 7.69
N ILE A 98 -2.11 6.50 7.52
CA ILE A 98 -1.95 5.03 7.82
C ILE A 98 -0.75 4.85 8.75
N ASP A 99 -0.88 4.06 9.78
CA ASP A 99 0.26 3.86 10.72
C ASP A 99 0.22 2.44 11.32
N ASN A 100 1.32 2.02 11.91
CA ASN A 100 1.40 0.66 12.52
C ASN A 100 1.84 0.75 14.00
N ASN A 101 1.09 0.17 14.89
CA ASN A 101 1.50 0.23 16.33
C ASN A 101 2.75 -0.63 16.55
N ASP A 102 3.39 -0.50 17.68
CA ASP A 102 4.62 -1.28 17.99
C ASP A 102 4.39 -2.81 17.80
N SER A 103 3.29 -3.31 18.27
CA SER A 103 2.98 -4.78 18.11
C SER A 103 1.68 -5.02 17.33
N GLN A 104 1.02 -4.00 16.83
CA GLN A 104 -0.25 -4.26 16.07
C GLN A 104 -0.28 -3.37 14.80
N LEU A 105 -1.01 -3.80 13.80
CA LEU A 105 -1.09 -3.00 12.53
C LEU A 105 -2.52 -2.51 12.29
N GLU A 106 -2.76 -1.24 12.44
CA GLU A 106 -4.13 -0.68 12.21
C GLU A 106 -4.05 0.78 11.77
N ILE A 107 -5.01 1.21 11.00
CA ILE A 107 -5.01 2.63 10.52
C ILE A 107 -4.96 3.59 11.73
N GLY A 108 -4.50 4.78 11.51
CA GLY A 108 -4.40 5.79 12.61
C GLY A 108 -5.54 6.79 12.42
N MET A 1 0.78 11.22 10.86
CA MET A 1 1.50 10.67 12.06
C MET A 1 2.32 9.45 11.63
N PRO A 2 3.33 9.09 12.39
CA PRO A 2 4.25 7.95 12.16
C PRO A 2 3.76 6.89 11.13
N ASN A 3 4.65 6.22 10.44
CA ASN A 3 4.20 5.19 9.41
C ASN A 3 5.00 3.89 9.63
N PHE A 4 4.74 2.89 8.82
CA PHE A 4 5.47 1.60 9.01
C PHE A 4 6.86 1.61 8.37
N SER A 5 7.43 2.77 8.16
CA SER A 5 8.80 2.83 7.56
C SER A 5 9.82 2.47 8.63
N HIS A 6 10.23 3.44 9.39
CA HIS A 6 11.26 3.21 10.45
C HIS A 6 10.83 2.07 11.39
N THR A 7 9.56 1.93 11.68
CA THR A 7 9.12 0.84 12.61
C THR A 7 9.24 -0.54 11.95
N CYS A 8 9.08 -0.62 10.66
CA CYS A 8 9.18 -1.93 9.96
C CYS A 8 10.21 -1.87 8.82
N SER A 9 10.78 -2.99 8.47
CA SER A 9 11.79 -3.00 7.35
C SER A 9 11.47 -4.14 6.35
N SER A 10 12.04 -4.09 5.18
CA SER A 10 11.79 -5.17 4.14
C SER A 10 10.36 -5.04 3.60
N ILE A 11 10.04 -3.90 3.08
CA ILE A 11 8.67 -3.64 2.53
C ILE A 11 8.42 -4.48 1.26
N ASN A 12 7.47 -5.39 1.31
CA ASN A 12 7.16 -6.21 0.11
C ASN A 12 5.69 -6.02 -0.30
N TYR A 13 5.42 -6.05 -1.57
CA TYR A 13 4.01 -5.87 -2.07
C TYR A 13 3.79 -6.77 -3.28
N ASP A 14 3.09 -7.84 -3.12
CA ASP A 14 2.81 -8.72 -4.29
C ASP A 14 1.70 -8.08 -5.14
N PRO A 15 1.94 -7.87 -6.42
CA PRO A 15 0.94 -7.22 -7.33
C PRO A 15 -0.27 -8.11 -7.63
N ASP A 16 -0.19 -9.40 -7.41
CA ASP A 16 -1.37 -10.28 -7.70
C ASP A 16 -2.40 -10.15 -6.56
N SER A 17 -2.06 -10.61 -5.38
CA SER A 17 -2.99 -10.57 -4.20
C SER A 17 -2.94 -9.21 -3.47
N THR A 18 -2.10 -8.31 -3.93
CA THR A 18 -1.96 -6.96 -3.27
C THR A 18 -1.87 -7.07 -1.74
N ILE A 19 -0.85 -7.74 -1.25
CA ILE A 19 -0.70 -7.87 0.23
C ILE A 19 0.63 -7.21 0.64
N LEU A 20 0.60 -6.36 1.63
CA LEU A 20 1.87 -5.71 2.09
C LEU A 20 2.49 -6.52 3.24
N SER A 21 3.68 -7.00 3.05
CA SER A 21 4.35 -7.80 4.12
C SER A 21 5.60 -7.06 4.61
N ALA A 22 5.82 -7.04 5.89
CA ALA A 22 7.01 -6.35 6.45
C ALA A 22 7.27 -6.82 7.89
N GLU A 23 8.50 -6.80 8.32
CA GLU A 23 8.81 -7.25 9.71
C GLU A 23 8.86 -6.02 10.63
N CYS A 24 8.16 -6.08 11.73
CA CYS A 24 8.14 -4.91 12.66
C CYS A 24 8.61 -5.34 14.06
N GLN A 25 9.08 -4.41 14.86
CA GLN A 25 9.57 -4.75 16.23
C GLN A 25 8.43 -4.55 17.24
N ALA A 26 8.21 -5.51 18.09
CA ALA A 26 7.12 -5.37 19.10
C ALA A 26 7.63 -4.60 20.31
N ARG A 27 6.74 -4.27 21.19
CA ARG A 27 7.13 -3.52 22.42
C ARG A 27 8.17 -4.33 23.20
N ASP A 28 8.06 -5.63 23.18
CA ASP A 28 9.02 -6.50 23.91
C ASP A 28 10.38 -6.46 23.18
N GLY A 29 10.44 -5.81 22.06
CA GLY A 29 11.72 -5.73 21.29
C GLY A 29 11.79 -6.93 20.34
N GLU A 30 10.77 -7.75 20.32
CA GLU A 30 10.77 -8.95 19.41
C GLU A 30 10.35 -8.56 17.98
N TRP A 31 10.93 -9.19 16.99
CA TRP A 31 10.59 -8.88 15.56
C TRP A 31 9.56 -9.90 15.04
N LEU A 32 8.48 -9.43 14.46
CA LEU A 32 7.46 -10.37 13.91
C LEU A 32 7.04 -9.92 12.50
N PRO A 33 6.51 -10.82 11.70
CA PRO A 33 6.04 -10.53 10.32
C PRO A 33 4.54 -10.17 10.27
N THR A 34 4.17 -9.22 9.45
CA THR A 34 2.71 -8.84 9.38
C THR A 34 2.27 -8.67 7.92
N GLU A 35 1.01 -8.97 7.65
CA GLU A 35 0.48 -8.84 6.26
C GLU A 35 -0.71 -7.87 6.24
N LEU A 36 -0.93 -7.16 5.16
CA LEU A 36 -2.08 -6.22 5.09
C LEU A 36 -2.66 -6.22 3.66
N ARG A 37 -3.96 -6.13 3.52
CA ARG A 37 -4.60 -6.12 2.17
C ARG A 37 -5.14 -4.71 1.85
N LEU A 38 -4.53 -4.00 0.94
CA LEU A 38 -5.02 -2.62 0.62
C LEU A 38 -6.40 -2.67 -0.05
N SER A 39 -6.63 -3.64 -0.88
CA SER A 39 -7.94 -3.75 -1.58
C SER A 39 -9.08 -3.36 -0.62
N ASP A 40 -8.87 -3.56 0.65
CA ASP A 40 -9.90 -3.21 1.68
C ASP A 40 -10.20 -1.70 1.64
N HIS A 41 -9.20 -0.87 1.45
CA HIS A 41 -9.43 0.61 1.41
C HIS A 41 -9.13 1.20 0.02
N ILE A 42 -8.89 0.38 -0.98
CA ILE A 42 -8.57 0.94 -2.33
C ILE A 42 -9.48 0.32 -3.41
N GLY A 43 -10.21 1.15 -4.13
CA GLY A 43 -11.12 0.64 -5.20
C GLY A 43 -10.97 1.53 -6.45
N ASN A 44 -11.57 1.15 -7.54
CA ASN A 44 -11.47 1.97 -8.79
C ASN A 44 -12.64 2.95 -8.85
N ILE A 45 -12.40 4.12 -9.30
CA ILE A 45 -13.50 5.11 -9.41
C ILE A 45 -13.36 5.84 -10.74
N ASP A 46 -14.04 5.34 -11.73
CA ASP A 46 -14.01 5.95 -13.10
C ASP A 46 -12.57 6.10 -13.66
N GLY A 47 -11.64 5.26 -13.27
CA GLY A 47 -10.26 5.37 -13.83
C GLY A 47 -9.29 5.98 -12.81
N GLU A 48 -9.78 6.44 -11.69
CA GLU A 48 -8.88 7.04 -10.66
C GLU A 48 -8.76 6.14 -9.43
N LEU A 49 -7.74 6.34 -8.63
CA LEU A 49 -7.54 5.52 -7.39
C LEU A 49 -7.86 6.38 -6.16
N GLN A 50 -8.65 5.89 -5.25
CA GLN A 50 -8.97 6.69 -4.03
C GLN A 50 -9.12 5.79 -2.79
N PHE A 51 -8.99 6.38 -1.64
CA PHE A 51 -9.12 5.61 -0.37
C PHE A 51 -10.62 5.50 -0.04
N GLY A 52 -11.01 4.46 0.65
CA GLY A 52 -12.47 4.30 0.99
C GLY A 52 -13.11 3.29 0.05
N ASP A 53 -12.59 3.13 -1.13
CA ASP A 53 -13.17 2.16 -2.10
C ASP A 53 -12.46 0.81 -2.00
N GLN A 54 -12.97 -0.19 -2.71
CA GLN A 54 -12.34 -1.54 -2.67
C GLN A 54 -12.37 -2.22 -4.06
N ASN A 55 -11.62 -3.27 -4.27
CA ASN A 55 -11.63 -3.96 -5.60
C ASN A 55 -11.00 -3.06 -6.68
N PHE A 56 -9.70 -3.01 -6.73
CA PHE A 56 -8.99 -2.17 -7.75
C PHE A 56 -8.06 -3.01 -8.64
N GLN A 57 -7.34 -3.95 -8.10
CA GLN A 57 -6.41 -4.76 -8.96
C GLN A 57 -7.23 -5.46 -10.06
N GLU A 58 -8.47 -5.73 -9.81
CA GLU A 58 -9.32 -6.41 -10.83
C GLU A 58 -9.42 -5.53 -12.09
N THR A 59 -9.37 -4.23 -11.93
CA THR A 59 -9.46 -3.32 -13.11
C THR A 59 -8.16 -2.52 -13.28
N CYS A 60 -7.06 -3.04 -12.79
CA CYS A 60 -5.76 -2.30 -12.93
C CYS A 60 -4.59 -3.26 -13.09
N GLN A 61 -3.51 -2.80 -13.67
CA GLN A 61 -2.32 -3.69 -13.88
C GLN A 61 -1.01 -2.90 -13.66
N ASP A 62 0.10 -3.59 -13.79
CA ASP A 62 1.45 -2.97 -13.61
C ASP A 62 1.57 -2.23 -12.26
N CYS A 63 1.06 -2.75 -11.20
CA CYS A 63 1.20 -2.01 -9.89
C CYS A 63 2.63 -2.17 -9.41
N ARG A 64 3.29 -1.10 -9.10
CA ARG A 64 4.68 -1.22 -8.64
C ARG A 64 5.07 -0.09 -7.69
N LEU A 65 5.83 -0.44 -6.71
CA LEU A 65 6.29 0.54 -5.70
C LEU A 65 7.53 1.26 -6.26
N GLU A 66 7.79 2.45 -5.83
CA GLU A 66 8.98 3.18 -6.33
C GLU A 66 9.70 3.88 -5.18
N PHE A 67 10.99 3.72 -5.05
CA PHE A 67 11.73 4.39 -3.93
C PHE A 67 12.19 5.79 -4.37
N GLY A 68 12.04 6.78 -3.53
CA GLY A 68 12.46 8.17 -3.90
C GLY A 68 13.92 8.41 -3.50
N ASP A 69 14.31 9.64 -3.35
CA ASP A 69 15.73 9.95 -2.96
C ASP A 69 16.11 9.18 -1.69
N GLY A 70 15.20 9.04 -0.76
CA GLY A 70 15.51 8.29 0.50
C GLY A 70 14.75 6.96 0.48
N GLU A 71 15.44 5.89 0.76
CA GLU A 71 14.77 4.55 0.77
C GLU A 71 13.76 4.46 1.91
N GLN A 72 13.55 5.53 2.63
CA GLN A 72 12.58 5.51 3.77
C GLN A 72 11.15 5.65 3.23
N SER A 73 10.99 5.65 1.94
CA SER A 73 9.63 5.81 1.36
C SER A 73 9.42 4.99 0.09
N VAL A 74 8.23 4.53 -0.18
CA VAL A 74 8.01 3.76 -1.46
C VAL A 74 6.70 4.30 -2.07
N TRP A 75 6.64 4.57 -3.35
CA TRP A 75 5.36 5.14 -3.89
C TRP A 75 4.54 4.21 -4.81
N LEU A 76 3.26 4.13 -4.58
CA LEU A 76 2.39 3.18 -5.36
C LEU A 76 1.76 3.82 -6.61
N VAL A 77 2.09 3.27 -7.76
CA VAL A 77 1.53 3.75 -9.08
C VAL A 77 0.87 2.56 -9.80
N CYS A 78 -0.28 2.76 -10.42
CA CYS A 78 -0.95 1.62 -11.13
C CYS A 78 -1.79 2.13 -12.30
N THR A 79 -1.88 1.32 -13.31
CA THR A 79 -2.71 1.68 -14.49
C THR A 79 -4.12 1.12 -14.20
N CYS A 80 -5.11 1.94 -14.20
CA CYS A 80 -6.51 1.45 -13.91
C CYS A 80 -7.38 1.68 -15.13
N GLN A 81 -8.09 0.69 -15.59
CA GLN A 81 -8.95 0.86 -16.80
C GLN A 81 -10.08 1.87 -16.52
N THR A 82 -10.48 2.61 -17.52
CA THR A 82 -11.60 3.59 -17.33
C THR A 82 -12.91 2.88 -17.65
N MET A 83 -14.03 3.48 -17.36
CA MET A 83 -15.33 2.80 -17.66
C MET A 83 -15.47 2.57 -19.16
N ASP A 84 -14.96 3.46 -19.97
CA ASP A 84 -15.07 3.27 -21.44
C ASP A 84 -14.15 2.11 -21.87
N GLY A 85 -13.26 1.69 -21.01
CA GLY A 85 -12.34 0.56 -21.34
C GLY A 85 -10.93 1.08 -21.65
N GLU A 86 -10.70 2.36 -21.53
CA GLU A 86 -9.34 2.91 -21.80
C GLU A 86 -8.42 2.69 -20.60
N TRP A 87 -7.13 2.74 -20.82
CA TRP A 87 -6.15 2.53 -19.70
C TRP A 87 -5.47 3.85 -19.34
N LYS A 88 -5.43 4.21 -18.09
CA LYS A 88 -4.75 5.49 -17.71
C LYS A 88 -3.80 5.24 -16.52
N SER A 89 -2.80 6.06 -16.37
CA SER A 89 -1.82 5.88 -15.25
C SER A 89 -2.17 6.80 -14.07
N THR A 90 -2.35 6.24 -12.90
CA THR A 90 -2.66 7.06 -11.68
C THR A 90 -1.53 6.87 -10.65
N GLN A 91 -1.50 7.70 -9.63
CA GLN A 91 -0.42 7.58 -8.59
C GLN A 91 -1.01 7.82 -7.19
N ILE A 92 -0.38 7.30 -6.16
CA ILE A 92 -0.91 7.51 -4.77
C ILE A 92 0.19 7.23 -3.73
N LEU A 93 0.28 8.04 -2.71
CA LEU A 93 1.34 7.85 -1.68
C LEU A 93 0.74 7.11 -0.46
N LEU A 94 1.27 5.96 -0.14
CA LEU A 94 0.75 5.19 1.03
C LEU A 94 1.05 5.94 2.34
N ASP A 95 2.14 6.67 2.38
CA ASP A 95 2.49 7.42 3.63
C ASP A 95 1.47 8.55 3.87
N SER A 96 0.66 8.45 4.89
CA SER A 96 -0.35 9.51 5.17
C SER A 96 -1.21 9.13 6.39
N GLN A 97 -2.50 8.98 6.23
CA GLN A 97 -3.38 8.60 7.38
C GLN A 97 -3.27 7.10 7.69
N ILE A 98 -2.11 6.50 7.52
CA ILE A 98 -1.95 5.03 7.82
C ILE A 98 -0.75 4.85 8.75
N ASP A 99 -0.88 4.06 9.78
CA ASP A 99 0.26 3.86 10.72
C ASP A 99 0.22 2.44 11.32
N ASN A 100 1.32 2.02 11.91
CA ASN A 100 1.40 0.66 12.52
C ASN A 100 1.84 0.75 14.00
N ASN A 101 1.09 0.17 14.89
CA ASN A 101 1.50 0.23 16.33
C ASN A 101 2.75 -0.63 16.55
N ASP A 102 3.39 -0.50 17.68
CA ASP A 102 4.62 -1.28 17.99
C ASP A 102 4.39 -2.81 17.80
N SER A 103 3.29 -3.31 18.27
CA SER A 103 2.98 -4.78 18.11
C SER A 103 1.68 -5.02 17.33
N GLN A 104 1.02 -4.00 16.83
CA GLN A 104 -0.25 -4.26 16.07
C GLN A 104 -0.28 -3.37 14.80
N LEU A 105 -1.01 -3.80 13.80
CA LEU A 105 -1.09 -3.00 12.53
C LEU A 105 -2.52 -2.51 12.29
N GLU A 106 -2.76 -1.24 12.44
CA GLU A 106 -4.13 -0.68 12.21
C GLU A 106 -4.05 0.78 11.77
N ILE A 107 -5.01 1.21 11.00
CA ILE A 107 -5.01 2.63 10.52
C ILE A 107 -4.96 3.59 11.73
N GLY A 108 -4.50 4.78 11.51
CA GLY A 108 -4.40 5.79 12.61
C GLY A 108 -5.54 6.79 12.42
#